data_5SPD
#
_entry.id   5SPD
#
_cell.length_a   88.778
_cell.length_b   88.778
_cell.length_c   39.331
_cell.angle_alpha   90.000
_cell.angle_beta   90.000
_cell.angle_gamma   90.000
#
_symmetry.space_group_name_H-M   'P 43'
#
loop_
_entity.id
_entity.type
_entity.pdbx_description
1 polymer 'Non-structural protein 3'
2 non-polymer '(1S,2S)-1-[4-(cyclopropylcarbamamido)benzamido]-4-hydroxy-2,3-dihydro-1H-indene-2-carboxylic acid'
3 non-polymer '(1R,2R)-1-[4-(cyclopropylcarbamamido)benzamido]-4-hydroxy-2,3-dihydro-1H-indene-2-carboxylic acid'
4 water water
#
_entity_poly.entity_id   1
_entity_poly.type   'polypeptide(L)'
_entity_poly.pdbx_seq_one_letter_code
;SMVNSFSGYLKLTDNVYIKNADIVEEAKKVKPTVVVNAANVYLKHGGGVAGALNKATNNAMQVESDDYIATNGPLKVGGS
CVLSGHNLAKHCLHVVGPNVNKGEDIQLLKSAYENFNQHEVLLAPLLSAGIFGADPIHSLRVCVDTVRTNVYLAVFDKNL
YDKLVSSFL
;
_entity_poly.pdbx_strand_id   A,B
#
loop_
_chem_comp.id
_chem_comp.type
_chem_comp.name
_chem_comp.formula
QRU non-polymer '(1R,2R)-1-[4-(cyclopropylcarbamamido)benzamido]-4-hydroxy-2,3-dihydro-1H-indene-2-carboxylic acid' 'C21 H21 N3 O5'
QYJ non-polymer '(1S,2S)-1-[4-(cyclopropylcarbamamido)benzamido]-4-hydroxy-2,3-dihydro-1H-indene-2-carboxylic acid' 'C21 H21 N3 O5'
#
# COMPACT_ATOMS: atom_id res chain seq x y z
N VAL A 3 -5.91 -9.88 -22.51
CA VAL A 3 -5.04 -9.17 -23.43
C VAL A 3 -5.18 -7.64 -23.20
N ASN A 4 -4.06 -6.94 -23.11
CA ASN A 4 -4.01 -5.47 -23.01
C ASN A 4 -3.15 -4.91 -24.16
N SER A 5 -3.00 -3.59 -24.18
CA SER A 5 -2.43 -2.83 -25.29
C SER A 5 -0.96 -2.42 -25.08
N PHE A 6 -0.32 -2.90 -24.02
CA PHE A 6 1.10 -2.64 -23.82
C PHE A 6 1.91 -3.47 -24.82
N SER A 7 2.82 -2.85 -25.52
N SER A 7 2.79 -2.81 -25.63
CA SER A 7 3.50 -3.53 -26.61
CA SER A 7 3.55 -3.55 -26.65
C SER A 7 5.00 -3.40 -26.40
C SER A 7 5.07 -3.33 -26.56
N GLY A 8 5.71 -4.46 -26.79
N GLY A 8 5.83 -4.42 -26.72
CA GLY A 8 7.15 -4.41 -26.78
CA GLY A 8 7.29 -4.40 -26.72
C GLY A 8 7.81 -4.60 -25.43
C GLY A 8 7.91 -4.53 -25.36
N TYR A 9 7.09 -5.16 -24.45
N TYR A 9 7.11 -4.80 -24.33
CA TYR A 9 7.66 -5.41 -23.14
CA TYR A 9 7.62 -5.04 -22.99
C TYR A 9 8.37 -6.76 -23.13
C TYR A 9 8.15 -6.47 -22.89
N LEU A 10 9.43 -6.84 -22.34
N LEU A 10 9.15 -6.69 -22.03
CA LEU A 10 10.05 -8.10 -21.98
CA LEU A 10 9.76 -8.01 -21.90
C LEU A 10 9.38 -8.57 -20.70
C LEU A 10 9.30 -8.66 -20.60
N LYS A 11 9.03 -9.86 -20.68
N LYS A 11 8.81 -9.92 -20.70
CA LYS A 11 8.36 -10.48 -19.55
CA LYS A 11 8.27 -10.65 -19.56
C LYS A 11 9.42 -10.92 -18.56
C LYS A 11 9.42 -11.01 -18.62
N LEU A 12 9.36 -10.40 -17.33
N LEU A 12 9.36 -10.54 -17.37
CA LEU A 12 10.30 -10.84 -16.31
CA LEU A 12 10.36 -10.85 -16.36
C LEU A 12 9.78 -11.98 -15.46
C LEU A 12 9.89 -11.95 -15.41
N THR A 13 8.50 -11.93 -15.07
N THR A 13 8.63 -11.86 -14.98
CA THR A 13 7.88 -12.94 -14.25
CA THR A 13 7.94 -12.83 -14.13
C THR A 13 6.48 -13.09 -14.74
C THR A 13 6.52 -13.05 -14.70
N ASP A 14 5.73 -13.86 -13.99
CA ASP A 14 4.32 -14.05 -14.31
C ASP A 14 3.60 -12.70 -14.48
N ASN A 15 3.97 -11.69 -13.69
CA ASN A 15 3.17 -10.47 -13.62
C ASN A 15 3.93 -9.16 -13.85
N VAL A 16 5.25 -9.21 -14.03
CA VAL A 16 6.07 -8.01 -14.19
C VAL A 16 6.70 -8.00 -15.58
N TYR A 17 6.58 -6.87 -16.25
CA TYR A 17 7.05 -6.62 -17.60
C TYR A 17 7.87 -5.34 -17.59
N ILE A 18 8.83 -5.22 -18.52
CA ILE A 18 9.75 -4.08 -18.51
C ILE A 18 10.10 -3.67 -19.93
N LYS A 19 10.20 -2.38 -20.12
N LYS A 19 10.32 -2.36 -20.14
CA LYS A 19 10.47 -1.84 -21.44
CA LYS A 19 10.68 -1.78 -21.43
C LYS A 19 11.30 -0.57 -21.28
C LYS A 19 11.53 -0.51 -21.24
N ASN A 20 12.24 -0.39 -22.20
N ASN A 20 12.42 -0.25 -22.20
CA ASN A 20 12.97 0.86 -22.30
CA ASN A 20 13.18 1.00 -22.22
C ASN A 20 12.02 1.87 -22.95
C ASN A 20 12.34 2.04 -22.95
N ALA A 21 11.46 2.78 -22.15
N ALA A 21 11.69 2.93 -22.19
CA ALA A 21 10.48 3.70 -22.68
CA ALA A 21 10.74 3.86 -22.79
C ALA A 21 10.36 4.92 -21.78
C ALA A 21 10.49 5.05 -21.86
N ASP A 22 9.95 6.03 -22.39
N ASP A 22 9.98 6.13 -22.46
CA ASP A 22 9.59 7.25 -21.68
CA ASP A 22 9.57 7.33 -21.72
C ASP A 22 8.17 7.10 -21.17
C ASP A 22 8.14 7.13 -21.22
N ILE A 23 7.99 7.05 -19.85
N ILE A 23 7.97 7.12 -19.88
CA ILE A 23 6.67 6.76 -19.28
CA ILE A 23 6.65 6.89 -19.28
C ILE A 23 5.64 7.78 -19.75
C ILE A 23 5.62 7.94 -19.76
N VAL A 24 6.07 9.00 -20.02
N VAL A 24 6.05 9.16 -20.07
CA VAL A 24 5.14 10.02 -20.54
CA VAL A 24 5.15 10.17 -20.65
C VAL A 24 4.62 9.63 -21.91
C VAL A 24 4.57 9.68 -21.98
N GLU A 25 5.53 9.21 -22.81
N GLU A 25 5.44 9.23 -22.90
CA GLU A 25 5.14 8.80 -24.15
CA GLU A 25 5.00 8.75 -24.21
C GLU A 25 4.34 7.51 -24.10
C GLU A 25 4.16 7.49 -24.06
N GLU A 26 4.71 6.60 -23.21
N GLU A 26 4.66 6.53 -23.28
CA GLU A 26 3.96 5.36 -23.09
CA GLU A 26 3.92 5.30 -23.04
C GLU A 26 2.55 5.64 -22.57
C GLU A 26 2.53 5.61 -22.52
N ALA A 27 2.42 6.57 -21.60
CA ALA A 27 1.10 6.92 -21.09
C ALA A 27 0.25 7.57 -22.18
N LYS A 28 0.84 8.51 -22.93
CA LYS A 28 0.11 9.17 -24.02
C LYS A 28 -0.39 8.17 -25.07
N LYS A 29 0.30 7.04 -25.29
N LYS A 29 0.38 7.12 -25.33
CA LYS A 29 -0.07 6.09 -26.35
CA LYS A 29 0.03 6.13 -26.35
C LYS A 29 -1.02 5.03 -25.85
C LYS A 29 -1.01 5.13 -25.84
N VAL A 30 -0.81 4.57 -24.64
CA VAL A 30 -1.65 3.50 -24.11
C VAL A 30 -2.90 4.02 -23.42
N LYS A 31 -2.84 5.16 -22.78
N LYS A 31 -2.81 5.18 -22.77
CA LYS A 31 -3.96 5.62 -21.97
CA LYS A 31 -3.88 5.72 -21.92
C LYS A 31 -4.34 4.57 -20.93
C LYS A 31 -4.32 4.65 -20.91
N PRO A 32 -3.40 4.15 -20.10
CA PRO A 32 -3.71 3.07 -19.17
C PRO A 32 -4.72 3.53 -18.13
N THR A 33 -5.38 2.56 -17.52
CA THR A 33 -6.27 2.84 -16.38
C THR A 33 -5.50 3.55 -15.28
N VAL A 34 -4.29 3.11 -14.98
CA VAL A 34 -3.46 3.68 -13.92
C VAL A 34 -2.03 3.92 -14.42
N VAL A 35 -1.56 5.15 -14.28
CA VAL A 35 -0.13 5.47 -14.36
C VAL A 35 0.33 5.83 -12.95
N VAL A 36 1.50 5.30 -12.57
CA VAL A 36 2.09 5.58 -11.27
C VAL A 36 3.04 6.76 -11.40
N ASN A 37 2.91 7.72 -10.49
CA ASN A 37 3.85 8.82 -10.34
C ASN A 37 4.79 8.54 -9.17
N ALA A 38 6.06 8.87 -9.38
CA ALA A 38 7.11 8.87 -8.36
C ALA A 38 7.00 10.17 -7.56
N ALA A 39 6.06 10.20 -6.65
CA ALA A 39 5.69 11.39 -5.90
C ALA A 39 6.55 11.57 -4.65
N ASN A 40 6.51 12.79 -4.10
CA ASN A 40 6.94 13.06 -2.75
C ASN A 40 5.73 13.36 -1.88
N VAL A 41 5.95 13.47 -0.57
CA VAL A 41 4.83 13.59 0.37
C VAL A 41 4.02 14.85 0.19
N TYR A 42 4.63 15.88 -0.40
CA TYR A 42 3.97 17.17 -0.63
C TYR A 42 3.31 17.25 -2.00
N LEU A 43 3.43 16.19 -2.80
CA LEU A 43 2.98 16.20 -4.20
C LEU A 43 3.50 17.43 -4.94
N LYS A 44 4.77 17.76 -4.73
N LYS A 44 4.77 17.80 -4.64
CA LYS A 44 5.44 18.84 -5.45
CA LYS A 44 5.50 18.87 -5.34
C LYS A 44 6.20 18.17 -6.57
C LYS A 44 6.23 18.22 -6.55
N HIS A 45 5.64 18.32 -7.75
CA HIS A 45 6.13 17.59 -8.93
C HIS A 45 7.16 18.41 -9.70
N GLY A 46 8.36 18.49 -9.14
CA GLY A 46 9.41 19.37 -9.64
C GLY A 46 10.32 18.78 -10.71
N GLY A 47 10.59 17.49 -10.63
N GLY A 47 10.75 17.52 -10.53
CA GLY A 47 11.62 16.90 -11.47
CA GLY A 47 11.72 16.90 -11.44
C GLY A 47 11.47 15.40 -11.47
C GLY A 47 11.48 15.41 -11.61
N GLY A 48 12.41 14.74 -12.16
N GLY A 48 12.27 14.77 -12.50
CA GLY A 48 12.31 13.31 -12.33
CA GLY A 48 12.15 13.33 -12.73
C GLY A 48 11.04 12.95 -13.05
C GLY A 48 10.77 12.95 -13.28
N VAL A 49 10.53 11.74 -12.76
N VAL A 49 10.34 11.72 -12.97
CA VAL A 49 9.29 11.28 -13.37
CA VAL A 49 9.03 11.24 -13.44
C VAL A 49 8.16 12.25 -13.09
C VAL A 49 7.94 12.25 -13.10
N ALA A 50 8.06 12.73 -11.85
N ALA A 50 7.91 12.69 -11.84
CA ALA A 50 6.93 13.58 -11.48
CA ALA A 50 6.87 13.62 -11.39
C ALA A 50 6.92 14.89 -12.26
C ALA A 50 6.89 14.93 -12.16
N GLY A 51 8.07 15.54 -12.32
CA GLY A 51 8.15 16.77 -13.10
C GLY A 51 7.77 16.55 -14.55
N ALA A 52 8.15 15.40 -15.12
CA ALA A 52 7.84 15.11 -16.52
C ALA A 52 6.35 14.84 -16.72
N LEU A 53 5.76 13.98 -15.86
N LEU A 53 5.72 14.00 -15.88
CA LEU A 53 4.33 13.72 -15.95
CA LEU A 53 4.29 13.77 -16.02
C LEU A 53 3.53 15.03 -15.78
C LEU A 53 3.53 15.08 -15.82
N ASN A 54 3.90 15.86 -14.80
CA ASN A 54 3.21 17.11 -14.55
C ASN A 54 3.33 18.06 -15.75
N LYS A 55 4.51 18.13 -16.34
N LYS A 55 4.55 18.18 -16.32
CA LYS A 55 4.69 18.97 -17.51
CA LYS A 55 4.74 19.03 -17.50
C LYS A 55 3.77 18.54 -18.62
C LYS A 55 3.84 18.57 -18.65
N ALA A 56 3.66 17.25 -18.81
CA ALA A 56 2.83 16.71 -19.88
C ALA A 56 1.34 17.03 -19.68
N THR A 57 0.91 17.27 -18.44
CA THR A 57 -0.46 17.71 -18.14
C THR A 57 -0.62 19.23 -18.15
N ASN A 58 0.39 19.97 -18.59
CA ASN A 58 0.32 21.43 -18.63
C ASN A 58 0.08 22.00 -17.24
N ASN A 59 0.63 21.35 -16.20
CA ASN A 59 0.57 21.75 -14.79
C ASN A 59 -0.79 21.43 -14.15
N ALA A 60 -1.72 20.79 -14.87
CA ALA A 60 -2.99 20.46 -14.23
C ALA A 60 -2.81 19.47 -13.09
N MET A 61 -1.86 18.54 -13.22
CA MET A 61 -1.55 17.62 -12.13
C MET A 61 -1.16 18.38 -10.86
N GLN A 62 -0.30 19.39 -11.00
CA GLN A 62 0.11 20.17 -9.83
C GLN A 62 -1.05 20.93 -9.21
N VAL A 63 -1.91 21.52 -10.03
CA VAL A 63 -3.06 22.27 -9.50
C VAL A 63 -3.96 21.35 -8.69
N GLU A 64 -4.26 20.16 -9.23
CA GLU A 64 -5.09 19.19 -8.52
C GLU A 64 -4.41 18.73 -7.24
N SER A 65 -3.09 18.51 -7.32
CA SER A 65 -2.33 18.05 -6.17
C SER A 65 -2.32 19.08 -5.05
N ASP A 66 -2.17 20.36 -5.38
CA ASP A 66 -2.15 21.39 -4.35
C ASP A 66 -3.49 21.44 -3.62
N ASP A 67 -4.60 21.27 -4.33
CA ASP A 67 -5.90 21.20 -3.66
C ASP A 67 -5.99 19.96 -2.76
N TYR A 68 -5.47 18.82 -3.22
CA TYR A 68 -5.46 17.61 -2.40
C TYR A 68 -4.71 17.82 -1.09
N ILE A 69 -3.50 18.43 -1.16
CA ILE A 69 -2.71 18.64 0.04
C ILE A 69 -3.38 19.66 0.96
N ALA A 70 -3.95 20.72 0.41
CA ALA A 70 -4.62 21.72 1.23
C ALA A 70 -5.76 21.09 2.03
N THR A 71 -6.42 20.08 1.47
CA THR A 71 -7.52 19.40 2.16
C THR A 71 -7.04 18.32 3.13
N ASN A 72 -6.05 17.51 2.71
CA ASN A 72 -5.72 16.26 3.39
C ASN A 72 -4.36 16.27 4.10
N GLY A 73 -3.50 17.25 3.84
CA GLY A 73 -2.15 17.21 4.37
C GLY A 73 -1.28 16.24 3.59
N PRO A 74 0.00 16.18 3.96
CA PRO A 74 0.96 15.37 3.22
C PRO A 74 0.66 13.88 3.29
N LEU A 75 1.16 13.18 2.29
CA LEU A 75 1.20 11.72 2.33
C LEU A 75 2.28 11.26 3.31
N LYS A 76 2.27 9.95 3.58
CA LYS A 76 3.33 9.25 4.30
C LYS A 76 4.34 8.71 3.30
N VAL A 77 5.62 8.70 3.69
CA VAL A 77 6.59 7.92 2.92
C VAL A 77 6.16 6.46 2.95
N GLY A 78 6.07 5.84 1.77
CA GLY A 78 5.50 4.50 1.62
C GLY A 78 4.02 4.52 1.29
N GLY A 79 3.36 5.70 1.32
CA GLY A 79 1.95 5.80 1.06
C GLY A 79 1.64 6.27 -0.37
N SER A 80 0.35 6.48 -0.62
CA SER A 80 -0.13 6.82 -1.94
C SER A 80 -1.48 7.52 -1.87
N CYS A 81 -1.86 8.13 -2.98
CA CYS A 81 -3.23 8.56 -3.20
C CYS A 81 -3.55 8.44 -4.69
N VAL A 82 -4.83 8.26 -4.98
CA VAL A 82 -5.35 8.19 -6.35
C VAL A 82 -5.92 9.54 -6.71
N LEU A 83 -5.41 10.13 -7.79
CA LEU A 83 -5.94 11.37 -8.35
C LEU A 83 -6.20 11.15 -9.84
N SER A 84 -6.61 12.21 -10.52
CA SER A 84 -6.85 12.13 -11.95
C SER A 84 -5.59 11.79 -12.74
N GLY A 85 -5.77 11.06 -13.84
CA GLY A 85 -4.70 10.84 -14.80
C GLY A 85 -4.62 11.89 -15.87
N HIS A 86 -5.53 12.87 -15.85
CA HIS A 86 -5.52 13.98 -16.80
C HIS A 86 -5.50 13.42 -18.23
N ASN A 87 -4.62 13.88 -19.09
CA ASN A 87 -4.51 13.46 -20.47
C ASN A 87 -3.63 12.22 -20.63
N LEU A 88 -3.13 11.67 -19.52
CA LEU A 88 -2.16 10.56 -19.60
C LEU A 88 -2.76 9.19 -19.29
N ALA A 89 -3.84 9.12 -18.52
CA ALA A 89 -4.38 7.86 -17.99
C ALA A 89 -5.74 8.18 -17.38
N LYS A 90 -6.50 7.14 -17.05
N LYS A 90 -6.51 7.16 -17.05
CA LYS A 90 -7.73 7.38 -16.29
CA LYS A 90 -7.73 7.42 -16.28
C LYS A 90 -7.41 7.96 -14.91
C LYS A 90 -7.38 7.98 -14.91
N HIS A 91 -6.47 7.33 -14.21
CA HIS A 91 -6.08 7.67 -12.86
C HIS A 91 -4.56 7.76 -12.78
N CYS A 92 -4.08 8.61 -11.88
CA CYS A 92 -2.68 8.60 -11.46
C CYS A 92 -2.61 8.15 -10.02
N LEU A 93 -1.86 7.07 -9.79
CA LEU A 93 -1.53 6.62 -8.44
C LEU A 93 -0.21 7.28 -8.04
N HIS A 94 -0.29 8.28 -7.17
CA HIS A 94 0.90 8.98 -6.67
C HIS A 94 1.46 8.15 -5.52
N VAL A 95 2.64 7.56 -5.70
CA VAL A 95 3.25 6.68 -4.70
C VAL A 95 4.56 7.31 -4.22
N VAL A 96 4.75 7.36 -2.90
CA VAL A 96 5.95 7.94 -2.30
C VAL A 96 6.90 6.82 -1.91
N GLY A 97 7.93 6.59 -2.72
N GLY A 97 7.90 6.57 -2.75
CA GLY A 97 9.02 5.76 -2.29
CA GLY A 97 8.98 5.65 -2.39
C GLY A 97 9.97 6.58 -1.42
C GLY A 97 9.97 6.42 -1.54
N PRO A 98 10.78 5.90 -0.61
N PRO A 98 10.73 5.73 -0.68
CA PRO A 98 11.80 6.61 0.17
CA PRO A 98 11.75 6.44 0.11
C PRO A 98 12.83 7.30 -0.72
C PRO A 98 12.78 7.10 -0.80
N ASN A 99 13.20 8.51 -0.34
N ASN A 99 13.11 8.37 -0.52
CA ASN A 99 14.25 9.27 -1.05
CA ASN A 99 14.14 9.11 -1.27
C ASN A 99 15.54 9.13 -0.26
C ASN A 99 15.45 9.05 -0.49
N VAL A 100 16.47 8.34 -0.81
N VAL A 100 16.44 8.30 -1.02
CA VAL A 100 17.76 8.12 -0.13
CA VAL A 100 17.72 8.11 -0.34
C VAL A 100 18.48 9.44 0.07
C VAL A 100 18.51 9.43 -0.23
N ASN A 101 18.32 10.38 -0.86
N ASN A 101 18.30 10.36 -1.17
CA ASN A 101 18.96 11.68 -0.71
CA ASN A 101 19.08 11.61 -1.13
C ASN A 101 18.30 12.54 0.37
C ASN A 101 18.57 12.59 -0.06
N LYS A 102 17.25 12.03 1.03
N LYS A 102 17.43 12.30 0.55
CA LYS A 102 16.72 12.63 2.25
CA LYS A 102 16.84 13.01 1.68
C LYS A 102 16.94 11.75 3.47
C LYS A 102 17.12 12.31 3.02
N GLY A 103 17.62 10.60 3.33
N GLY A 103 17.88 11.22 3.01
CA GLY A 103 17.88 9.74 4.47
CA GLY A 103 18.17 10.44 4.21
C GLY A 103 16.75 8.83 4.87
C GLY A 103 16.97 9.65 4.73
N GLU A 104 15.79 8.60 3.99
N GLU A 104 16.02 9.30 3.85
CA GLU A 104 14.61 7.82 4.34
CA GLU A 104 14.78 8.58 4.18
C GLU A 104 14.88 6.33 4.25
C GLU A 104 15.05 7.09 4.45
N ASP A 105 14.20 5.56 5.10
N ASP A 105 14.03 6.36 4.95
CA ASP A 105 14.51 4.15 5.31
CA ASP A 105 14.25 4.97 5.38
C ASP A 105 14.14 3.36 4.07
C ASP A 105 14.18 4.02 4.19
N ILE A 106 15.12 2.65 3.51
N ILE A 106 15.30 3.33 3.92
CA ILE A 106 14.90 1.91 2.27
CA ILE A 106 15.37 2.38 2.80
C ILE A 106 13.89 0.80 2.45
C ILE A 106 14.35 1.24 2.96
N GLN A 107 13.73 0.28 3.68
N GLN A 107 14.09 0.78 4.20
CA GLN A 107 12.73 -0.74 3.93
CA GLN A 107 13.18 -0.36 4.40
C GLN A 107 11.33 -0.26 3.58
C GLN A 107 11.72 -0.12 3.94
N LEU A 108 11.10 1.06 3.59
N LEU A 108 11.28 1.13 3.65
CA LEU A 108 9.81 1.60 3.18
CA LEU A 108 9.90 1.43 3.29
C LEU A 108 9.55 1.39 1.72
C LEU A 108 9.56 1.26 1.80
N LEU A 109 10.54 0.94 0.96
CA LEU A 109 10.29 0.69 -0.45
C LEU A 109 9.28 -0.43 -0.65
N LYS A 110 9.33 -1.48 0.18
CA LYS A 110 8.35 -2.56 0.04
C LYS A 110 6.93 -2.03 0.30
N SER A 111 6.77 -1.22 1.35
CA SER A 111 5.47 -0.62 1.64
C SER A 111 4.98 0.20 0.46
N ALA A 112 5.87 0.96 -0.16
CA ALA A 112 5.49 1.77 -1.32
C ALA A 112 4.95 0.89 -2.46
N TYR A 113 5.66 -0.20 -2.78
CA TYR A 113 5.20 -1.10 -3.84
C TYR A 113 3.89 -1.80 -3.49
N GLU A 114 3.60 -2.02 -2.20
CA GLU A 114 2.34 -2.67 -1.83
C GLU A 114 1.13 -1.89 -2.35
N ASN A 115 1.25 -0.57 -2.51
CA ASN A 115 0.14 0.20 -3.04
C ASN A 115 -0.27 -0.29 -4.42
N PHE A 116 0.68 -0.83 -5.20
CA PHE A 116 0.36 -1.28 -6.55
C PHE A 116 -0.66 -2.44 -6.53
N ASN A 117 -0.72 -3.20 -5.44
CA ASN A 117 -1.58 -4.38 -5.37
C ASN A 117 -3.06 -4.01 -5.32
N GLN A 118 -3.39 -2.74 -5.12
CA GLN A 118 -4.78 -2.30 -5.12
C GLN A 118 -5.29 -2.05 -6.54
N HIS A 119 -4.46 -2.29 -7.57
CA HIS A 119 -4.82 -2.02 -8.96
C HIS A 119 -4.42 -3.20 -9.82
N GLU A 120 -5.35 -3.65 -10.66
CA GLU A 120 -5.13 -4.89 -11.41
C GLU A 120 -4.02 -4.75 -12.45
N VAL A 121 -3.89 -3.58 -13.07
CA VAL A 121 -2.88 -3.31 -14.10
C VAL A 121 -2.37 -1.89 -13.92
N LEU A 122 -1.06 -1.70 -14.05
CA LEU A 122 -0.45 -0.37 -13.89
C LEU A 122 0.72 -0.20 -14.84
N LEU A 123 0.88 1.03 -15.32
CA LEU A 123 2.11 1.51 -15.96
C LEU A 123 2.90 2.28 -14.90
N ALA A 124 4.17 1.93 -14.70
CA ALA A 124 4.85 2.51 -13.55
C ALA A 124 6.34 2.67 -13.80
N PRO A 125 6.98 3.58 -13.09
N PRO A 125 6.99 3.53 -13.01
CA PRO A 125 8.44 3.63 -13.04
CA PRO A 125 8.44 3.60 -12.96
C PRO A 125 8.93 2.79 -11.87
C PRO A 125 8.97 2.74 -11.82
N LEU A 126 10.24 2.57 -11.83
N LEU A 126 10.25 2.37 -11.90
CA LEU A 126 10.84 1.93 -10.67
CA LEU A 126 10.90 1.68 -10.79
C LEU A 126 10.87 2.92 -9.48
C LEU A 126 11.01 2.64 -9.60
N LEU A 127 10.20 2.54 -8.41
N LEU A 127 10.40 2.31 -8.46
CA LEU A 127 10.10 3.40 -7.25
CA LEU A 127 10.33 3.25 -7.34
C LEU A 127 11.46 3.62 -6.61
C LEU A 127 11.71 3.49 -6.72
N SER A 128 11.70 4.84 -6.17
N SER A 128 11.90 4.68 -6.16
CA SER A 128 12.91 5.28 -5.49
CA SER A 128 13.10 5.12 -5.44
C SER A 128 14.14 5.32 -6.40
C SER A 128 14.37 5.11 -6.30
N ALA A 129 13.98 5.05 -7.70
N ALA A 129 14.25 4.98 -7.63
CA ALA A 129 15.09 5.13 -8.64
CA ALA A 129 15.39 4.97 -8.55
C ALA A 129 15.32 6.60 -9.05
C ALA A 129 15.65 6.40 -9.04
N GLY A 130 16.24 6.80 -9.99
N GLY A 130 16.50 6.55 -10.07
CA GLY A 130 16.49 8.13 -10.48
CA GLY A 130 16.82 7.88 -10.60
C GLY A 130 16.91 9.07 -9.36
C GLY A 130 17.24 8.85 -9.48
N ILE A 131 16.31 10.26 -9.34
N ILE A 131 16.64 10.03 -9.44
CA ILE A 131 16.68 11.28 -8.37
CA ILE A 131 17.05 11.07 -8.48
C ILE A 131 16.31 10.94 -6.94
C ILE A 131 16.58 10.80 -7.04
N PHE A 132 15.55 9.84 -6.71
N PHE A 132 15.88 9.68 -6.80
CA PHE A 132 15.30 9.38 -5.35
CA PHE A 132 15.52 9.25 -5.44
C PHE A 132 16.47 8.61 -4.75
C PHE A 132 16.69 8.54 -4.74
N GLY A 133 17.46 8.24 -5.55
N GLY A 133 17.71 8.11 -5.49
CA GLY A 133 18.73 7.81 -5.03
CA GLY A 133 18.97 7.68 -4.90
C GLY A 133 18.90 6.36 -4.67
C GLY A 133 19.12 6.21 -4.52
N ALA A 134 17.88 5.51 -4.84
N ALA A 134 18.09 5.36 -4.68
CA ALA A 134 18.05 4.09 -4.55
CA ALA A 134 18.28 3.97 -4.29
C ALA A 134 18.68 3.38 -5.74
C ALA A 134 18.88 3.15 -5.45
N ASP A 135 19.18 2.16 -5.47
N ASP A 135 19.36 1.94 -5.13
CA ASP A 135 19.70 1.30 -6.51
CA ASP A 135 19.90 1.04 -6.16
C ASP A 135 18.54 0.74 -7.33
C ASP A 135 18.74 0.56 -7.03
N PRO A 136 18.44 1.04 -8.63
N PRO A 136 18.75 0.81 -8.35
CA PRO A 136 17.31 0.51 -9.41
CA PRO A 136 17.64 0.31 -9.19
C PRO A 136 17.25 -1.00 -9.49
C PRO A 136 17.54 -1.20 -9.25
N ILE A 137 18.39 -1.70 -9.43
N ILE A 137 18.68 -1.91 -9.24
CA ILE A 137 18.36 -3.17 -9.38
CA ILE A 137 18.62 -3.38 -9.24
C ILE A 137 17.65 -3.65 -8.11
C ILE A 137 17.84 -3.80 -8.02
N HIS A 138 17.99 -3.05 -6.94
CA HIS A 138 17.26 -3.37 -5.71
C HIS A 138 15.78 -3.05 -5.86
N SER A 139 15.46 -1.88 -6.41
CA SER A 139 14.06 -1.53 -6.60
C SER A 139 13.33 -2.55 -7.46
N LEU A 140 13.95 -3.03 -8.53
CA LEU A 140 13.32 -4.03 -9.38
C LEU A 140 13.09 -5.33 -8.61
N ARG A 141 14.05 -5.73 -7.78
CA ARG A 141 13.88 -6.94 -6.98
C ARG A 141 12.71 -6.80 -6.02
N VAL A 142 12.64 -5.67 -5.31
CA VAL A 142 11.50 -5.45 -4.40
C VAL A 142 10.18 -5.45 -5.17
N CYS A 143 10.16 -4.81 -6.34
CA CYS A 143 8.94 -4.81 -7.15
C CYS A 143 8.48 -6.24 -7.44
N VAL A 144 9.38 -7.07 -7.96
CA VAL A 144 9.03 -8.43 -8.35
C VAL A 144 8.58 -9.24 -7.16
N ASP A 145 9.19 -9.01 -6.00
CA ASP A 145 8.88 -9.78 -4.79
C ASP A 145 7.71 -9.21 -3.99
N THR A 146 7.11 -8.10 -4.42
CA THR A 146 6.03 -7.46 -3.65
C THR A 146 4.75 -7.30 -4.46
N VAL A 147 4.86 -6.90 -5.71
CA VAL A 147 3.69 -6.63 -6.54
C VAL A 147 3.20 -7.95 -7.12
N ARG A 148 1.91 -8.21 -6.93
CA ARG A 148 1.23 -9.39 -7.45
C ARG A 148 0.31 -9.09 -8.61
N THR A 149 -0.06 -7.83 -8.81
CA THR A 149 -0.87 -7.40 -9.93
C THR A 149 0.05 -7.16 -11.13
N ASN A 150 -0.54 -6.86 -12.28
CA ASN A 150 0.21 -6.78 -13.54
C ASN A 150 0.84 -5.40 -13.69
N VAL A 151 2.16 -5.34 -13.67
CA VAL A 151 2.89 -4.09 -13.71
C VAL A 151 3.77 -4.03 -14.93
N TYR A 152 3.64 -2.95 -15.65
N TYR A 152 3.65 -2.92 -15.70
CA TYR A 152 4.40 -2.65 -16.83
CA TYR A 152 4.44 -2.67 -16.92
C TYR A 152 5.36 -1.50 -16.47
C TYR A 152 5.38 -1.50 -16.62
N LEU A 153 6.65 -1.82 -16.35
CA LEU A 153 7.65 -0.85 -15.92
C LEU A 153 8.30 -0.18 -17.13
N ALA A 154 8.36 1.14 -17.07
N ALA A 154 8.20 1.17 -17.18
CA ALA A 154 9.00 1.92 -18.10
CA ALA A 154 8.84 1.98 -18.21
C ALA A 154 10.31 2.43 -17.52
C ALA A 154 10.11 2.61 -17.63
N VAL A 155 11.41 2.12 -18.19
N VAL A 155 11.26 2.32 -18.22
CA VAL A 155 12.73 2.54 -17.76
CA VAL A 155 12.56 2.80 -17.75
C VAL A 155 13.28 3.49 -18.82
C VAL A 155 13.10 3.83 -18.76
N PHE A 156 13.44 4.75 -18.45
N PHE A 156 13.31 5.08 -18.30
CA PHE A 156 13.81 5.79 -19.42
CA PHE A 156 13.73 6.14 -19.24
C PHE A 156 15.19 5.55 -20.01
C PHE A 156 15.17 5.94 -19.72
N ASP A 157 16.16 5.18 -19.18
N ASP A 157 16.09 5.67 -18.79
CA ASP A 157 17.56 5.10 -19.61
CA ASP A 157 17.51 5.59 -19.12
C ASP A 157 17.85 3.74 -20.23
C ASP A 157 17.86 4.31 -19.88
N LYS A 158 18.25 3.73 -21.52
N LYS A 158 18.43 4.49 -21.08
CA LYS A 158 18.52 2.47 -22.22
CA LYS A 158 18.75 3.34 -21.93
C LYS A 158 19.65 1.70 -21.54
C LYS A 158 19.81 2.44 -21.28
N ASN A 159 20.73 2.40 -21.16
N ASN A 159 20.92 3.02 -20.81
CA ASN A 159 21.81 1.74 -20.46
CA ASN A 159 22.00 2.19 -20.28
C ASN A 159 21.34 1.17 -19.14
C ASN A 159 21.59 1.46 -19.02
N LEU A 160 20.59 1.96 -18.32
CA LEU A 160 20.08 1.34 -17.10
C LEU A 160 19.18 0.15 -17.45
N TYR A 161 18.29 0.32 -18.43
CA TYR A 161 17.43 -0.78 -18.88
C TYR A 161 18.24 -2.04 -19.19
N ASP A 162 19.21 -1.98 -20.10
N ASP A 162 19.29 -1.86 -20.00
CA ASP A 162 19.95 -3.23 -20.38
CA ASP A 162 20.13 -2.99 -20.41
C ASP A 162 20.67 -3.73 -19.12
C ASP A 162 20.75 -3.66 -19.20
N LYS A 163 21.19 -2.86 -18.23
CA LYS A 163 21.78 -3.40 -17.00
C LYS A 163 20.73 -4.12 -16.14
N LEU A 164 19.53 -3.54 -16.02
CA LEU A 164 18.46 -4.20 -15.26
C LEU A 164 18.13 -5.56 -15.84
N VAL A 165 17.99 -5.65 -17.17
CA VAL A 165 17.68 -6.93 -17.80
C VAL A 165 18.82 -7.92 -17.60
N SER A 166 20.05 -7.49 -17.89
CA SER A 166 21.19 -8.40 -17.88
C SER A 166 21.50 -8.91 -16.47
N SER A 167 21.14 -8.16 -15.43
CA SER A 167 21.43 -8.57 -14.05
C SER A 167 20.23 -9.21 -13.35
N PHE A 168 19.09 -9.36 -14.03
CA PHE A 168 17.87 -9.81 -13.36
C PHE A 168 17.97 -11.29 -13.05
N LEU A 169 17.66 -11.66 -11.81
CA LEU A 169 17.70 -13.06 -11.42
C LEU A 169 16.30 -13.66 -11.53
N SER B 1 0.05 11.78 29.14
N SER B 1 -0.13 11.92 29.15
CA SER B 1 -1.02 10.85 28.76
CA SER B 1 -1.16 10.94 28.70
C SER B 1 -0.50 9.54 28.18
C SER B 1 -0.59 9.63 28.18
N MET B 2 -1.27 8.48 28.40
N MET B 2 -1.34 8.58 28.47
CA MET B 2 -0.92 7.14 27.98
CA MET B 2 -1.00 7.19 28.17
C MET B 2 -1.71 6.79 26.73
C MET B 2 -1.76 6.76 26.92
N VAL B 3 -1.01 6.58 25.62
N VAL B 3 -1.03 6.53 25.82
CA VAL B 3 -1.59 6.04 24.41
CA VAL B 3 -1.60 6.01 24.57
C VAL B 3 -0.74 4.85 24.01
C VAL B 3 -0.78 4.78 24.16
N ASN B 4 -1.38 3.93 23.32
CA ASN B 4 -0.70 2.72 22.84
C ASN B 4 -0.06 1.94 23.98
N SER B 5 -0.77 1.82 25.09
N SER B 5 -0.80 1.79 25.09
CA SER B 5 -0.25 1.14 26.27
CA SER B 5 -0.27 1.14 26.30
C SER B 5 -0.77 -0.29 26.27
C SER B 5 -0.73 -0.32 26.33
N PHE B 6 -0.14 -1.10 25.42
CA PHE B 6 -0.49 -2.51 25.26
C PHE B 6 0.20 -3.31 26.36
N SER B 7 -0.61 -4.19 27.00
N SER B 7 -0.53 -4.18 27.06
CA SER B 7 -0.12 -5.00 28.10
CA SER B 7 0.08 -5.00 28.11
C SER B 7 -0.75 -6.39 28.05
C SER B 7 -0.45 -6.42 28.09
N GLY B 8 0.04 -7.38 28.46
N GLY B 8 0.43 -7.36 28.42
CA GLY B 8 -0.44 -8.75 28.52
CA GLY B 8 0.09 -8.76 28.56
C GLY B 8 -0.45 -9.47 27.21
C GLY B 8 -0.06 -9.49 27.25
N TYR B 9 0.27 -8.99 26.21
N TYR B 9 0.53 -8.97 26.18
CA TYR B 9 0.32 -9.64 24.91
CA TYR B 9 0.52 -9.64 24.90
C TYR B 9 1.45 -10.66 24.86
C TYR B 9 1.65 -10.67 24.81
N LEU B 10 1.20 -11.73 24.11
N LEU B 10 1.36 -11.74 24.09
CA LEU B 10 2.20 -12.75 23.86
CA LEU B 10 2.33 -12.78 23.79
C LEU B 10 2.87 -12.46 22.53
C LEU B 10 2.99 -12.46 22.46
N LYS B 11 4.20 -12.49 22.52
N LYS B 11 4.32 -12.39 22.47
CA LYS B 11 4.98 -12.21 21.33
CA LYS B 11 5.09 -12.14 21.26
C LYS B 11 5.00 -13.42 20.41
C LYS B 11 5.08 -13.39 20.38
N LEU B 12 4.61 -13.24 19.13
CA LEU B 12 4.71 -14.30 18.13
C LEU B 12 5.92 -14.10 17.22
N THR B 13 6.13 -12.87 16.77
CA THR B 13 7.28 -12.50 15.97
C THR B 13 7.75 -11.16 16.50
N ASP B 14 8.79 -10.65 15.89
N ASP B 14 8.82 -10.61 15.88
CA ASP B 14 9.31 -9.38 16.35
CA ASP B 14 9.36 -9.32 16.33
C ASP B 14 8.30 -8.26 16.26
C ASP B 14 8.36 -8.19 16.16
N ASN B 15 7.28 -8.38 15.39
CA ASN B 15 6.30 -7.30 15.22
C ASN B 15 4.84 -7.72 15.41
N VAL B 16 4.56 -9.00 15.68
CA VAL B 16 3.19 -9.47 15.84
C VAL B 16 3.01 -10.02 17.25
N TYR B 17 1.99 -9.49 17.94
CA TYR B 17 1.68 -9.81 19.33
C TYR B 17 0.22 -10.23 19.39
N ILE B 18 -0.15 -11.04 20.41
CA ILE B 18 -1.50 -11.57 20.48
C ILE B 18 -1.94 -11.68 21.93
N LYS B 19 -3.24 -11.46 22.16
CA LYS B 19 -3.83 -11.48 23.49
C LYS B 19 -5.26 -11.99 23.42
N ASN B 20 -5.70 -12.74 24.45
N ASN B 20 -5.65 -12.71 24.45
CA ASN B 20 -7.10 -13.15 24.59
CA ASN B 20 -7.04 -13.12 24.64
C ASN B 20 -7.83 -11.99 25.25
C ASN B 20 -7.76 -11.94 25.26
N ALA B 21 -8.55 -11.21 24.45
CA ALA B 21 -9.16 -9.97 24.91
C ALA B 21 -10.32 -9.59 23.99
N ASP B 22 -11.26 -8.85 24.56
CA ASP B 22 -12.35 -8.18 23.85
C ASP B 22 -11.79 -6.88 23.26
N ILE B 23 -11.80 -6.76 21.93
CA ILE B 23 -11.13 -5.64 21.26
C ILE B 23 -11.71 -4.28 21.67
N VAL B 24 -13.01 -4.21 21.98
CA VAL B 24 -13.59 -2.95 22.44
C VAL B 24 -13.03 -2.58 23.80
N GLU B 25 -13.04 -3.53 24.74
CA GLU B 25 -12.46 -3.28 26.06
C GLU B 25 -10.98 -2.96 25.96
N GLU B 26 -10.26 -3.67 25.09
CA GLU B 26 -8.84 -3.38 24.88
C GLU B 26 -8.65 -1.97 24.37
N ALA B 27 -9.43 -1.56 23.36
CA ALA B 27 -9.28 -0.22 22.81
C ALA B 27 -9.49 0.84 23.89
N LYS B 28 -10.49 0.66 24.73
CA LYS B 28 -10.75 1.68 25.75
C LYS B 28 -9.62 1.75 26.77
N LYS B 29 -8.94 0.64 27.00
N LYS B 29 -8.95 0.62 27.05
CA LYS B 29 -7.86 0.61 27.98
CA LYS B 29 -7.84 0.56 28.02
C LYS B 29 -6.53 1.07 27.40
C LYS B 29 -6.53 1.06 27.41
N VAL B 30 -6.18 0.55 26.23
CA VAL B 30 -4.87 0.80 25.59
C VAL B 30 -4.79 2.20 25.02
N LYS B 31 -5.93 2.78 24.62
N LYS B 31 -5.91 2.77 24.62
CA LYS B 31 -5.98 4.07 23.93
CA LYS B 31 -5.95 4.07 23.98
C LYS B 31 -5.07 4.07 22.70
C LYS B 31 -5.05 4.05 22.74
N PRO B 32 -5.33 3.20 21.74
CA PRO B 32 -4.45 3.09 20.57
C PRO B 32 -4.65 4.26 19.61
N THR B 33 -3.57 4.59 18.88
CA THR B 33 -3.69 5.50 17.76
C THR B 33 -4.63 4.95 16.70
N VAL B 34 -4.55 3.63 16.45
CA VAL B 34 -5.33 3.01 15.39
C VAL B 34 -5.99 1.73 15.91
N VAL B 35 -7.31 1.62 15.75
CA VAL B 35 -7.99 0.33 15.89
C VAL B 35 -8.47 -0.07 14.50
N VAL B 36 -8.26 -1.34 14.15
CA VAL B 36 -8.71 -1.87 12.87
C VAL B 36 -10.12 -2.43 13.00
N ASN B 37 -10.98 -2.06 12.05
CA ASN B 37 -12.30 -2.65 11.92
C ASN B 37 -12.29 -3.70 10.80
N ALA B 38 -12.97 -4.82 11.06
CA ALA B 38 -13.25 -5.86 10.08
C ALA B 38 -14.45 -5.42 9.24
N ALA B 39 -14.19 -4.54 8.27
CA ALA B 39 -15.21 -3.85 7.50
C ALA B 39 -15.62 -4.64 6.26
N ASN B 40 -16.74 -4.21 5.68
CA ASN B 40 -17.17 -4.61 4.34
C ASN B 40 -17.14 -3.38 3.43
N VAL B 41 -17.34 -3.60 2.14
CA VAL B 41 -17.07 -2.54 1.15
C VAL B 41 -18.00 -1.34 1.31
N TYR B 42 -19.21 -1.53 1.85
CA TYR B 42 -20.14 -0.43 2.06
C TYR B 42 -20.15 0.07 3.49
N LEU B 43 -19.20 -0.38 4.31
CA LEU B 43 -19.06 0.09 5.68
C LEU B 43 -20.38 -0.02 6.44
N LYS B 44 -21.08 -1.14 6.27
CA LYS B 44 -22.30 -1.46 7.01
C LYS B 44 -21.90 -2.35 8.17
N HIS B 45 -21.89 -1.76 9.37
CA HIS B 45 -21.27 -2.37 10.54
C HIS B 45 -22.31 -3.16 11.33
N GLY B 46 -22.71 -4.30 10.77
CA GLY B 46 -23.79 -5.08 11.36
C GLY B 46 -23.39 -6.08 12.43
N GLY B 47 -22.40 -6.90 12.12
CA GLY B 47 -22.13 -8.10 12.89
C GLY B 47 -20.68 -8.19 13.30
N GLY B 48 -20.38 -9.19 14.12
CA GLY B 48 -19.00 -9.43 14.52
C GLY B 48 -18.30 -8.20 15.06
N VAL B 49 -17.03 -8.05 14.72
CA VAL B 49 -16.21 -6.94 15.21
C VAL B 49 -16.85 -5.60 14.84
N ALA B 50 -17.28 -5.45 13.59
CA ALA B 50 -17.79 -4.15 13.16
C ALA B 50 -19.03 -3.75 13.95
N GLY B 51 -19.94 -4.70 14.18
CA GLY B 51 -21.12 -4.39 14.98
C GLY B 51 -20.75 -3.98 16.39
N ALA B 52 -19.75 -4.64 16.99
CA ALA B 52 -19.34 -4.31 18.35
C ALA B 52 -18.68 -2.94 18.41
N LEU B 53 -17.77 -2.65 17.47
CA LEU B 53 -17.14 -1.32 17.48
C LEU B 53 -18.18 -0.23 17.27
N ASN B 54 -19.09 -0.41 16.31
CA ASN B 54 -20.08 0.62 16.05
C ASN B 54 -20.99 0.82 17.27
N LYS B 55 -21.43 -0.26 17.90
CA LYS B 55 -22.25 -0.13 19.10
C LYS B 55 -21.53 0.65 20.18
N ALA B 56 -20.22 0.41 20.37
CA ALA B 56 -19.47 1.12 21.40
C ALA B 56 -19.46 2.62 21.13
N THR B 57 -19.53 3.03 19.85
CA THR B 57 -19.57 4.43 19.49
C THR B 57 -20.99 5.00 19.49
N ASN B 58 -21.98 4.24 19.96
CA ASN B 58 -23.36 4.71 19.97
C ASN B 58 -23.81 5.10 18.56
N ASN B 59 -23.39 4.31 17.56
CA ASN B 59 -23.77 4.45 16.14
C ASN B 59 -23.08 5.63 15.44
N ALA B 60 -22.20 6.37 16.12
CA ALA B 60 -21.50 7.47 15.45
C ALA B 60 -20.64 6.96 14.31
N MET B 61 -20.02 5.79 14.48
CA MET B 61 -19.21 5.21 13.41
C MET B 61 -20.06 4.97 12.16
N GLN B 62 -21.28 4.44 12.32
CA GLN B 62 -22.13 4.17 11.16
C GLN B 62 -22.54 5.46 10.46
N VAL B 63 -22.90 6.50 11.22
CA VAL B 63 -23.29 7.76 10.60
C VAL B 63 -22.13 8.33 9.79
N GLU B 64 -20.94 8.32 10.38
CA GLU B 64 -19.75 8.82 9.68
C GLU B 64 -19.45 7.98 8.45
N SER B 65 -19.62 6.67 8.56
CA SER B 65 -19.34 5.75 7.47
C SER B 65 -20.31 5.98 6.30
N ASP B 66 -21.60 6.16 6.60
CA ASP B 66 -22.56 6.40 5.52
C ASP B 66 -22.23 7.69 4.76
N ASP B 67 -21.81 8.72 5.49
CA ASP B 67 -21.38 9.96 4.82
C ASP B 67 -20.14 9.72 3.95
N TYR B 68 -19.16 8.95 4.46
CA TYR B 68 -17.98 8.61 3.67
C TYR B 68 -18.39 7.92 2.36
N ILE B 69 -19.31 6.97 2.43
CA ILE B 69 -19.76 6.23 1.25
C ILE B 69 -20.47 7.16 0.27
N ALA B 70 -21.30 8.08 0.78
CA ALA B 70 -21.99 9.00 -0.11
C ALA B 70 -20.99 9.81 -0.94
N THR B 71 -19.88 10.21 -0.32
CA THR B 71 -18.89 11.05 -0.97
C THR B 71 -17.95 10.25 -1.86
N ASN B 72 -17.60 9.02 -1.46
CA ASN B 72 -16.48 8.28 -2.06
C ASN B 72 -16.88 6.99 -2.73
N GLY B 73 -18.07 6.46 -2.48
CA GLY B 73 -18.41 5.15 -2.97
C GLY B 73 -17.77 4.04 -2.16
N PRO B 74 -18.10 2.79 -2.52
CA PRO B 74 -17.61 1.65 -1.75
C PRO B 74 -16.12 1.43 -1.89
N LEU B 75 -15.55 0.81 -0.87
CA LEU B 75 -14.17 0.35 -0.90
C LEU B 75 -14.06 -0.86 -1.84
N LYS B 76 -12.82 -1.22 -2.16
CA LYS B 76 -12.48 -2.48 -2.82
C LYS B 76 -12.23 -3.56 -1.77
N VAL B 77 -12.61 -4.81 -2.08
CA VAL B 77 -12.14 -5.93 -1.26
C VAL B 77 -10.61 -5.92 -1.29
N GLY B 78 -9.98 -5.94 -0.11
CA GLY B 78 -8.55 -5.77 0.04
C GLY B 78 -8.12 -4.35 0.34
N GLY B 79 -9.04 -3.40 0.25
CA GLY B 79 -8.76 -2.01 0.51
C GLY B 79 -9.13 -1.54 1.91
N SER B 80 -8.92 -0.24 2.14
CA SER B 80 -9.16 0.35 3.46
C SER B 80 -9.44 1.84 3.34
N CYS B 81 -9.97 2.39 4.43
CA CYS B 81 -10.00 3.83 4.62
C CYS B 81 -9.78 4.15 6.09
N VAL B 82 -9.29 5.36 6.34
CA VAL B 82 -9.08 5.86 7.70
C VAL B 82 -10.22 6.82 8.04
N LEU B 83 -10.91 6.54 9.14
CA LEU B 83 -11.96 7.41 9.67
C LEU B 83 -11.67 7.65 11.15
N SER B 84 -12.55 8.38 11.82
CA SER B 84 -12.37 8.63 13.25
C SER B 84 -12.45 7.34 14.05
N GLY B 85 -11.72 7.30 15.17
CA GLY B 85 -11.83 6.24 16.16
C GLY B 85 -12.80 6.53 17.28
N HIS B 86 -13.46 7.69 17.31
CA HIS B 86 -14.55 7.98 18.27
C HIS B 86 -14.02 7.77 19.69
N ASN B 87 -14.71 6.97 20.51
CA ASN B 87 -14.29 6.70 21.89
C ASN B 87 -13.36 5.50 21.99
N LEU B 88 -12.86 4.99 20.87
CA LEU B 88 -12.04 3.77 20.85
C LEU B 88 -10.57 4.03 20.54
N ALA B 89 -10.27 5.05 19.75
CA ALA B 89 -8.93 5.23 19.21
C ALA B 89 -8.90 6.61 18.56
N LYS B 90 -7.69 7.07 18.26
CA LYS B 90 -7.60 8.28 17.45
C LYS B 90 -8.26 8.05 16.09
N HIS B 91 -7.90 6.94 15.44
CA HIS B 91 -8.40 6.59 14.13
C HIS B 91 -8.93 5.16 14.12
N CYS B 92 -9.91 4.92 13.27
CA CYS B 92 -10.30 3.55 12.89
C CYS B 92 -9.88 3.31 11.45
N LEU B 93 -9.06 2.28 11.25
CA LEU B 93 -8.70 1.80 9.92
C LEU B 93 -9.69 0.72 9.53
N HIS B 94 -10.60 1.04 8.62
CA HIS B 94 -11.61 0.10 8.13
C HIS B 94 -10.96 -0.71 7.02
N VAL B 95 -10.73 -2.00 7.24
CA VAL B 95 -10.04 -2.86 6.27
C VAL B 95 -10.99 -3.96 5.82
N VAL B 96 -11.10 -4.14 4.51
CA VAL B 96 -12.00 -5.15 3.94
C VAL B 96 -11.20 -6.40 3.57
N GLY B 97 -11.29 -7.42 4.40
CA GLY B 97 -10.82 -8.74 4.02
C GLY B 97 -11.88 -9.45 3.21
N PRO B 98 -11.46 -10.46 2.43
CA PRO B 98 -12.43 -11.27 1.70
C PRO B 98 -13.35 -12.05 2.65
N ASN B 99 -14.64 -12.06 2.32
CA ASN B 99 -15.65 -12.83 3.06
C ASN B 99 -15.87 -14.17 2.33
N VAL B 100 -15.18 -15.22 2.81
N VAL B 100 -15.22 -15.24 2.81
CA VAL B 100 -15.31 -16.55 2.21
CA VAL B 100 -15.37 -16.59 2.23
C VAL B 100 -16.75 -17.04 2.27
C VAL B 100 -16.82 -17.08 2.32
N ASN B 101 -17.50 -16.65 3.30
N ASN B 101 -17.57 -16.64 3.35
CA ASN B 101 -18.91 -16.99 3.37
CA ASN B 101 -19.00 -17.00 3.45
C ASN B 101 -19.72 -16.36 2.25
C ASN B 101 -19.84 -16.34 2.37
N LYS B 102 -19.16 -15.40 1.53
N LYS B 102 -19.29 -15.36 1.66
CA LYS B 102 -19.79 -14.80 0.37
CA LYS B 102 -19.92 -14.79 0.47
C LYS B 102 -19.06 -15.14 -0.93
C LYS B 102 -19.21 -15.21 -0.81
N GLY B 103 -18.19 -16.14 -0.90
N GLY B 103 -18.28 -16.16 -0.71
CA GLY B 103 -17.53 -16.60 -2.10
CA GLY B 103 -17.57 -16.74 -1.85
C GLY B 103 -16.33 -15.78 -2.54
C GLY B 103 -16.44 -15.90 -2.39
N GLU B 104 -15.90 -14.80 -1.75
N GLU B 104 -15.88 -14.97 -1.62
CA GLU B 104 -14.83 -13.91 -2.16
CA GLU B 104 -14.85 -14.07 -2.11
C GLU B 104 -13.49 -14.63 -2.06
C GLU B 104 -13.49 -14.77 -2.05
N ASP B 105 -12.55 -14.20 -2.89
N ASP B 105 -12.54 -14.29 -2.87
CA ASP B 105 -11.29 -14.93 -3.04
CA ASP B 105 -11.27 -15.00 -3.04
C ASP B 105 -10.42 -14.73 -1.80
C ASP B 105 -10.43 -14.75 -1.80
N ILE B 106 -10.22 -15.80 -1.02
CA ILE B 106 -9.33 -15.79 0.13
C ILE B 106 -7.95 -15.26 -0.26
N GLN B 107 -7.57 -15.36 -1.54
CA GLN B 107 -6.28 -14.82 -2.00
C GLN B 107 -6.14 -13.32 -1.75
N LEU B 108 -7.24 -12.56 -1.62
CA LEU B 108 -7.18 -11.11 -1.37
C LEU B 108 -6.82 -10.76 0.06
N LEU B 109 -6.64 -11.76 0.92
CA LEU B 109 -6.32 -11.52 2.31
C LEU B 109 -4.96 -10.86 2.47
N LYS B 110 -3.97 -11.21 1.63
CA LYS B 110 -2.66 -10.57 1.75
C LYS B 110 -2.76 -9.08 1.44
N SER B 111 -3.47 -8.71 0.36
CA SER B 111 -3.67 -7.30 0.06
C SER B 111 -4.33 -6.58 1.22
N ALA B 112 -5.31 -7.21 1.85
CA ALA B 112 -5.99 -6.59 2.99
C ALA B 112 -4.99 -6.29 4.11
N TYR B 113 -4.15 -7.28 4.47
CA TYR B 113 -3.16 -7.06 5.53
C TYR B 113 -2.12 -6.01 5.16
N GLU B 114 -1.81 -5.83 3.88
CA GLU B 114 -0.81 -4.82 3.50
C GLU B 114 -1.23 -3.43 3.96
N ASN B 115 -2.52 -3.17 4.12
CA ASN B 115 -2.95 -1.86 4.61
C ASN B 115 -2.36 -1.56 5.99
N PHE B 116 -2.12 -2.60 6.80
CA PHE B 116 -1.60 -2.40 8.14
C PHE B 116 -0.22 -1.74 8.09
N ASN B 117 0.54 -1.97 7.02
CA ASN B 117 1.91 -1.45 6.93
C ASN B 117 1.97 0.06 6.80
N GLN B 118 0.84 0.73 6.58
CA GLN B 118 0.80 2.19 6.55
C GLN B 118 0.67 2.82 7.94
N HIS B 119 0.71 2.02 9.02
CA HIS B 119 0.54 2.50 10.39
C HIS B 119 1.60 1.84 11.26
N GLU B 120 2.30 2.63 12.07
N GLU B 120 2.30 2.65 12.07
CA GLU B 120 3.43 2.07 12.82
CA GLU B 120 3.42 2.12 12.84
C GLU B 120 2.97 1.09 13.90
C GLU B 120 2.99 1.12 13.90
N VAL B 121 1.81 1.33 14.49
CA VAL B 121 1.27 0.43 15.52
C VAL B 121 -0.26 0.41 15.42
N LEU B 122 -0.85 -0.79 15.56
CA LEU B 122 -2.30 -1.00 15.43
C LEU B 122 -2.78 -2.03 16.43
N LEU B 123 -4.01 -1.82 16.93
CA LEU B 123 -4.80 -2.84 17.62
C LEU B 123 -5.77 -3.41 16.58
N ALA B 124 -5.79 -4.75 16.44
CA ALA B 124 -6.52 -5.33 15.32
C ALA B 124 -7.14 -6.67 15.63
N PRO B 125 -8.20 -7.03 14.92
CA PRO B 125 -8.69 -8.42 14.87
C PRO B 125 -7.99 -9.17 13.73
N LEU B 126 -8.15 -10.49 13.71
CA LEU B 126 -7.71 -11.28 12.56
C LEU B 126 -8.66 -11.07 11.40
N LEU B 127 -8.12 -10.62 10.27
CA LEU B 127 -8.94 -10.32 9.11
C LEU B 127 -9.52 -11.59 8.50
N SER B 128 -10.73 -11.47 7.99
CA SER B 128 -11.46 -12.53 7.31
C SER B 128 -11.84 -13.68 8.25
N ALA B 129 -11.59 -13.56 9.56
CA ALA B 129 -11.99 -14.59 10.51
C ALA B 129 -13.45 -14.43 10.90
N GLY B 130 -13.91 -15.37 11.74
CA GLY B 130 -15.22 -15.23 12.36
C GLY B 130 -16.31 -15.26 11.32
N ILE B 131 -17.17 -14.24 11.35
CA ILE B 131 -18.32 -14.21 10.46
C ILE B 131 -17.92 -14.11 8.99
N PHE B 132 -16.64 -13.76 8.70
CA PHE B 132 -16.17 -13.72 7.32
C PHE B 132 -15.74 -15.09 6.80
N GLY B 133 -15.60 -16.12 7.66
CA GLY B 133 -15.53 -17.50 7.22
C GLY B 133 -14.17 -18.08 6.85
N ALA B 134 -13.09 -17.32 6.91
CA ALA B 134 -11.77 -17.88 6.64
C ALA B 134 -11.24 -18.61 7.88
N ASP B 135 -10.29 -19.51 7.64
CA ASP B 135 -9.62 -20.21 8.73
C ASP B 135 -8.78 -19.21 9.51
N PRO B 136 -9.04 -19.00 10.81
CA PRO B 136 -8.23 -18.01 11.56
C PRO B 136 -6.76 -18.38 11.62
N ILE B 137 -6.42 -19.68 11.58
CA ILE B 137 -5.01 -20.10 11.54
C ILE B 137 -4.34 -19.56 10.29
N HIS B 138 -5.04 -19.63 9.17
CA HIS B 138 -4.51 -19.07 7.94
C HIS B 138 -4.43 -17.55 8.02
N SER B 139 -5.43 -16.89 8.63
CA SER B 139 -5.37 -15.44 8.74
C SER B 139 -4.15 -15.00 9.55
N LEU B 140 -3.83 -15.72 10.63
CA LEU B 140 -2.65 -15.40 11.42
C LEU B 140 -1.39 -15.60 10.60
N ARG B 141 -1.35 -16.66 9.80
CA ARG B 141 -0.22 -16.93 8.90
C ARG B 141 0.01 -15.75 7.96
N VAL B 142 -1.05 -15.33 7.27
CA VAL B 142 -0.91 -14.21 6.33
C VAL B 142 -0.51 -12.95 7.07
N CYS B 143 -1.08 -12.72 8.26
CA CYS B 143 -0.69 -11.54 9.05
C CYS B 143 0.81 -11.54 9.30
N VAL B 144 1.33 -12.64 9.83
CA VAL B 144 2.74 -12.69 10.16
C VAL B 144 3.63 -12.54 8.94
N ASP B 145 3.20 -13.06 7.80
CA ASP B 145 4.01 -13.05 6.60
C ASP B 145 3.85 -11.77 5.79
N THR B 146 2.96 -10.87 6.21
CA THR B 146 2.67 -9.65 5.46
C THR B 146 2.91 -8.38 6.24
N VAL B 147 2.50 -8.33 7.50
CA VAL B 147 2.58 -7.11 8.29
C VAL B 147 3.98 -7.01 8.85
N ARG B 148 4.58 -5.83 8.68
CA ARG B 148 5.91 -5.53 9.20
C ARG B 148 5.89 -4.49 10.31
N THR B 149 4.80 -3.73 10.43
CA THR B 149 4.62 -2.77 11.51
C THR B 149 4.09 -3.51 12.74
N ASN B 150 3.95 -2.80 13.85
CA ASN B 150 3.64 -3.45 15.12
C ASN B 150 2.14 -3.67 15.25
N VAL B 151 1.71 -4.93 15.23
CA VAL B 151 0.29 -5.27 15.28
C VAL B 151 0.01 -6.09 16.52
N TYR B 152 -0.98 -5.63 17.28
CA TYR B 152 -1.46 -6.23 18.53
C TYR B 152 -2.83 -6.82 18.24
N LEU B 153 -2.89 -8.15 18.16
CA LEU B 153 -4.11 -8.88 17.81
C LEU B 153 -4.90 -9.24 19.05
N ALA B 154 -6.19 -8.94 19.04
CA ALA B 154 -7.12 -9.29 20.09
C ALA B 154 -8.02 -10.42 19.61
N VAL B 155 -8.02 -11.52 20.35
CA VAL B 155 -8.81 -12.71 20.05
C VAL B 155 -9.76 -12.92 21.23
N PHE B 156 -11.05 -12.81 20.98
CA PHE B 156 -12.05 -12.85 22.05
C PHE B 156 -12.15 -14.21 22.74
N ASP B 157 -12.28 -15.28 21.95
CA ASP B 157 -12.53 -16.59 22.54
C ASP B 157 -11.21 -17.24 23.01
N LYS B 158 -11.16 -17.54 24.30
N LYS B 158 -11.09 -17.52 24.33
CA LYS B 158 -9.97 -18.17 24.86
CA LYS B 158 -9.89 -18.18 24.90
C LYS B 158 -9.58 -19.45 24.13
C LYS B 158 -9.55 -19.47 24.13
N ASN B 159 -10.56 -20.23 23.73
CA ASN B 159 -10.30 -21.51 23.07
C ASN B 159 -9.75 -21.31 21.66
N LEU B 160 -10.16 -20.26 20.96
CA LEU B 160 -9.54 -19.95 19.67
C LEU B 160 -8.14 -19.40 19.88
N TYR B 161 -7.96 -18.53 20.88
CA TYR B 161 -6.62 -18.03 21.23
C TYR B 161 -5.67 -19.18 21.45
N ASP B 162 -6.06 -20.16 22.25
CA ASP B 162 -5.21 -21.31 22.53
C ASP B 162 -4.90 -22.10 21.26
N LYS B 163 -5.90 -22.29 20.39
CA LYS B 163 -5.68 -22.99 19.12
C LYS B 163 -4.67 -22.24 18.24
N LEU B 164 -4.78 -20.91 18.21
CA LEU B 164 -3.89 -20.08 17.40
C LEU B 164 -2.46 -20.12 17.93
N VAL B 165 -2.29 -19.93 19.26
CA VAL B 165 -0.95 -19.88 19.85
C VAL B 165 -0.30 -21.25 19.79
N SER B 166 -1.07 -22.28 20.13
CA SER B 166 -0.51 -23.62 20.31
C SER B 166 -0.07 -24.19 18.96
N SER B 167 -0.71 -23.77 17.87
CA SER B 167 -0.38 -24.25 16.52
C SER B 167 0.57 -23.33 15.75
N PHE B 168 0.89 -22.13 16.27
CA PHE B 168 1.73 -21.21 15.53
C PHE B 168 3.14 -21.75 15.39
N LEU B 169 3.60 -22.43 16.44
CA LEU B 169 4.95 -22.99 16.50
C LEU B 169 5.01 -24.30 17.26
C18 QYJ C . 10.91 11.63 -18.27
C16 QYJ C . 11.52 9.85 -16.83
C17 QYJ C . 10.81 10.31 -17.90
C15 QYJ C . 12.33 10.74 -16.13
C14 QYJ C . 13.16 10.24 -14.95
C12 QYJ C . 14.30 8.30 -13.89
C11 QYJ C . 15.75 7.84 -14.15
C10 QYJ C . 16.83 8.34 -14.91
C20 QYJ C . 10.25 13.26 -20.11
C02 QYJ C . 12.93 6.25 -14.43
C03 QYJ C . 13.58 7.11 -13.36
C04 QYJ C . 14.64 6.37 -12.61
C05 QYJ C . 15.96 6.72 -13.35
C06 QYJ C . 17.18 6.07 -13.33
C08 QYJ C . 18.24 6.54 -14.09
C09 QYJ C . 18.06 7.68 -14.89
C22 QYJ C . 9.49 14.62 -22.04
C23 QYJ C . 10.90 14.89 -22.57
C24 QYJ C . 9.79 14.49 -23.53
C26 QYJ C . 11.76 12.53 -17.61
C27 QYJ C . 12.46 12.06 -16.51
N13 QYJ C . 13.50 8.83 -14.97
N19 QYJ C . 10.16 11.98 -19.45
N21 QYJ C . 9.46 13.36 -21.32
O01 QYJ C . 11.78 5.77 -14.22
O07 QYJ C . 17.30 4.92 -12.50
O25 QYJ C . 10.88 14.18 -19.71
O28 QYJ C . 13.60 10.97 -14.12
O29 QYJ C . 13.53 6.02 -15.52
H161 QYJ C . 11.42 8.81 -16.51
H171 QYJ C . 10.15 9.65 -18.48
H121 QYJ C . 14.35 9.07 -13.12
H101 QYJ C . 16.71 9.22 -15.53
H031 QYJ C . 12.85 7.48 -12.66
H041 QYJ C . 14.66 6.74 -11.59
H042 QYJ C . 14.47 5.30 -12.66
H081 QYJ C . 19.21 6.05 -14.07
H091 QYJ C . 18.89 8.06 -15.48
H221 QYJ C . 8.93 15.48 -21.70
H231 QYJ C . 11.64 14.12 -22.34
H232 QYJ C . 11.19 15.94 -22.58
H241 QYJ C . 9.39 15.29 -24.14
H242 QYJ C . 9.84 13.47 -23.91
H261 QYJ C . 11.85 13.57 -17.92
H271 QYJ C . 13.12 12.72 -15.95
H131 QYJ C . 13.11 8.23 -15.69
H191 QYJ C . 9.64 11.27 -19.90
H211 QYJ C . 8.95 12.56 -21.65
H071 QYJ C . 18.09 4.99 -11.98
C18 QYJ D . 10.91 11.63 -18.26
C16 QYJ D . 11.51 9.84 -16.80
C17 QYJ D . 10.80 10.31 -17.90
C15 QYJ D . 12.31 10.74 -16.10
C14 QYJ D . 13.17 10.26 -14.92
C12 QYJ D . 14.31 8.28 -13.89
C11 QYJ D . 15.73 8.36 -14.47
C10 QYJ D . 16.32 9.26 -15.37
C20 QYJ D . 10.26 13.26 -20.11
C02 QYJ D . 13.97 6.06 -14.96
C03 QYJ D . 14.17 6.81 -13.64
C04 QYJ D . 15.53 6.47 -13.04
C05 QYJ D . 16.48 7.29 -13.96
C06 QYJ D . 17.82 7.12 -14.36
C08 QYJ D . 18.40 8.03 -15.23
C09 QYJ D . 17.66 9.09 -15.74
C22 QYJ D . 9.49 14.61 -22.03
C23 QYJ D . 10.90 14.89 -22.57
C24 QYJ D . 9.79 14.49 -23.53
C26 QYJ D . 11.75 12.52 -17.60
C27 QYJ D . 12.45 12.05 -16.50
N13 QYJ D . 13.43 8.82 -14.89
N19 QYJ D . 10.17 11.98 -19.44
N21 QYJ D . 9.48 13.36 -21.32
O01 QYJ D . 14.89 6.00 -15.82
O07 QYJ D . 18.59 6.06 -13.84
O25 QYJ D . 10.88 14.19 -19.70
O28 QYJ D . 13.68 11.01 -14.16
O29 QYJ D . 12.87 5.49 -15.19
H161 QYJ D . 11.40 8.80 -16.50
H171 QYJ D . 10.15 9.65 -18.47
H121 QYJ D . 14.25 8.85 -12.96
H101 QYJ D . 15.74 10.09 -15.76
H031 QYJ D . 13.36 6.60 -12.96
H041 QYJ D . 15.60 6.84 -12.01
H042 QYJ D . 15.74 5.41 -13.13
H081 QYJ D . 19.43 7.90 -15.53
H091 QYJ D . 18.11 9.79 -16.44
H221 QYJ D . 8.93 15.48 -21.70
H231 QYJ D . 11.65 14.12 -22.35
H232 QYJ D . 11.19 15.94 -22.58
H241 QYJ D . 9.39 15.28 -24.14
H242 QYJ D . 9.84 13.47 -23.91
H261 QYJ D . 11.85 13.56 -17.91
H271 QYJ D . 13.11 12.71 -15.94
H131 QYJ D . 12.99 8.23 -15.59
H191 QYJ D . 9.64 11.26 -19.90
H211 QYJ D . 8.95 12.56 -21.65
H071 QYJ D . 19.33 6.43 -13.37
C18 QRU E . 10.93 11.62 -18.27
C16 QRU E . 11.50 9.83 -16.80
C17 QRU E . 10.80 10.30 -17.89
C15 QRU E . 12.31 10.72 -16.08
C14 QRU E . 13.12 10.22 -14.87
C12 QRU E . 14.01 8.25 -13.57
C11 QRU E . 13.39 8.60 -12.21
C10 QRU E . 13.38 9.79 -11.48
C20 QRU E . 10.27 13.26 -20.12
C02 QRU E . 14.05 6.19 -15.00
C03 QRU E . 14.13 6.75 -13.57
C04 QRU E . 12.96 6.28 -12.72
C05 QRU E . 12.77 7.44 -11.70
C06 QRU E . 12.14 7.50 -10.46
C08 QRU E . 12.13 8.68 -9.73
C09 QRU E . 12.74 9.83 -10.23
C22 QRU E . 9.50 14.60 -22.04
C23 QRU E . 10.90 14.89 -22.57
C24 QRU E . 9.79 14.49 -23.53
C26 QRU E . 11.76 12.51 -17.59
C27 QRU E . 12.45 12.04 -16.48
N13 QRU E . 13.20 8.77 -14.68
N19 QRU E . 10.19 11.97 -19.46
N21 QRU E . 9.48 13.35 -21.33
O01 QRU E . 12.98 5.69 -15.43
O07 QRU E . 11.52 6.35 -9.90
O25 QRU E . 10.90 14.17 -19.71
O28 QRU E . 13.69 10.97 -14.16
O29 QRU E . 15.08 6.24 -15.74
H161 QRU E . 11.39 8.79 -16.49
H171 QRU E . 10.15 9.64 -18.48
H121 QRU E . 15.02 8.69 -13.65
H101 QRU E . 13.85 10.69 -11.87
H031 QRU E . 15.06 6.48 -13.09
H041 QRU E . 13.21 5.35 -12.19
H042 QRU E . 12.05 6.17 -13.33
H081 QRU E . 11.63 8.71 -8.76
H091 QRU E . 12.71 10.75 -9.66
H221 QRU E . 8.94 15.47 -21.68
H232 QRU E . 11.19 15.94 -22.58
H231 QRU E . 11.65 14.13 -22.35
H241 QRU E . 9.38 15.28 -24.13
H242 QRU E . 9.85 13.47 -23.91
H261 QRU E . 11.87 13.56 -17.90
H271 QRU E . 13.10 12.70 -15.92
H131 QRU E . 12.71 8.17 -15.34
H191 QRU E . 9.65 11.26 -19.91
H211 QRU E . 8.96 12.56 -21.65
H071 QRU E . 11.99 6.09 -9.14
#